data_4NUF
#
_entry.id   4NUF
#
_cell.length_a   56.388
_cell.length_b   105.148
_cell.length_c   136.277
_cell.angle_alpha   90.00
_cell.angle_beta   90.00
_cell.angle_gamma   90.00
#
_symmetry.space_group_name_H-M   'P 21 21 21'
#
loop_
_entity.id
_entity.type
_entity.pdbx_description
1 polymer 'Maltose ABC transporter periplasmic protein, Nuclear receptor subfamily 0 group B member 2 chimeric construct'
2 polymer 'EID1 peptide'
3 branched alpha-D-glucopyranose-(1-4)-alpha-D-glucopyranose
4 water water
#
loop_
_entity_poly.entity_id
_entity_poly.type
_entity_poly.pdbx_seq_one_letter_code
_entity_poly.pdbx_strand_id
1 'polypeptide(L)'
;MAKIEEGKLVIWINGDKGYNGLAEVGKKFEKDTGIKVTVEHPDKLEEKFPQVAATGDGPDIIFWAHDRFGGYAQSGLLAE
ITPDKAFQDKLYPFTWDAVRYNGKLIAYPIAVEALSLIYNKDLLPNPPKTWEEIPALDKELKAKGKSALMFNLQEPYFTW
PLIAADGGYAFKYENGKYDIKDVGVDNAGAKAGLTFLVDLIKNKHMNADTDYSIAEAAFNKGETAMTINGPWAWSNIDTS
KVNYGVTVLPTFKGQPSKPFVGVLSAGINAASPNKELAKEFLENYLLTDEGLEAVNKDKPLGAVALKSYEEELAKDPRIA
ATMENAQKGEIMPNIPQMSAFWYAVRTAVINAASGRQTVDEALKDAQTNAAAEFPHRTCREALDVLAKTVAFLRNLPSFC
HLPHDDQRRLLECCWGPLFLLGLAQDAVTFEVAEAPVPSILKKILTTRASSGTQGAQPSDRPQPSLAAVQWLQRCLESFW
SLELGPKEYAYLKGTILFNPDVPGLRASCHIAHLQQEAHWALCEVLEPWYPASQGRLARILLMASTLRNIPGTLLVDLFF
RPIMGDVDITELLEDMLLLR
;
A
2 'polypeptide(L)' MHRVSAALEEANKVFL P
#
loop_
_chem_comp.id
_chem_comp.type
_chem_comp.name
_chem_comp.formula
GLC D-saccharide, alpha linking alpha-D-glucopyranose 'C6 H12 O6'
#
# COMPACT_ATOMS: atom_id res chain seq x y z
N LYS A 3 10.69 27.52 1.24
CA LYS A 3 9.30 27.09 1.33
C LYS A 3 8.92 27.00 -0.18
N ILE A 4 9.56 26.10 -0.95
CA ILE A 4 9.30 26.08 -2.37
C ILE A 4 9.97 27.47 -2.74
N GLU A 5 11.25 27.48 -3.09
CA GLU A 5 11.95 28.77 -3.38
C GLU A 5 11.57 29.42 -4.69
N GLU A 6 11.45 30.74 -4.64
CA GLU A 6 11.10 31.48 -5.82
C GLU A 6 12.34 31.76 -6.69
N GLY A 7 12.16 31.65 -8.00
CA GLY A 7 13.26 31.89 -8.91
C GLY A 7 13.88 30.56 -9.30
N LYS A 8 13.44 29.49 -8.63
CA LYS A 8 13.96 28.14 -8.90
C LYS A 8 12.83 27.19 -9.30
N LEU A 9 13.21 26.10 -9.93
CA LEU A 9 12.24 25.08 -10.35
C LEU A 9 12.68 23.70 -9.95
N VAL A 10 11.98 23.10 -8.98
CA VAL A 10 12.28 21.73 -8.52
C VAL A 10 11.26 20.77 -9.11
N ILE A 11 11.74 19.69 -9.73
CA ILE A 11 10.86 18.71 -10.35
C ILE A 11 11.08 17.31 -9.76
N TRP A 12 9.97 16.63 -9.47
CA TRP A 12 10.00 15.25 -8.93
C TRP A 12 9.43 14.29 -9.96
N ILE A 13 10.14 13.18 -10.18
CA ILE A 13 9.71 12.16 -11.13
C ILE A 13 10.12 10.78 -10.62
N ASN A 14 9.37 9.74 -11.00
CA ASN A 14 9.66 8.40 -10.52
C ASN A 14 11.04 7.94 -10.92
N GLY A 15 11.65 7.11 -10.07
CA GLY A 15 12.99 6.59 -10.31
C GLY A 15 13.18 5.69 -11.52
N ASP A 16 12.11 5.10 -12.03
CA ASP A 16 12.20 4.21 -13.19
C ASP A 16 12.07 4.94 -14.54
N LYS A 17 11.76 6.23 -14.49
CA LYS A 17 11.63 7.06 -15.69
C LYS A 17 12.99 7.61 -16.17
N GLY A 18 12.97 8.42 -17.23
CA GLY A 18 14.20 8.97 -17.76
C GLY A 18 14.52 10.33 -17.17
N TYR A 19 14.70 10.36 -15.85
CA TYR A 19 14.97 11.61 -15.16
C TYR A 19 16.23 12.29 -15.68
N ASN A 20 17.15 11.52 -16.22
CA ASN A 20 18.37 12.11 -16.76
C ASN A 20 18.04 12.85 -18.04
N GLY A 21 17.20 12.25 -18.88
CA GLY A 21 16.84 12.94 -20.11
C GLY A 21 16.09 14.21 -19.81
N LEU A 22 15.30 14.17 -18.73
CA LEU A 22 14.51 15.31 -18.32
C LEU A 22 15.44 16.36 -17.76
N ALA A 23 16.48 15.92 -17.04
CA ALA A 23 17.42 16.86 -16.46
C ALA A 23 18.08 17.71 -17.55
N GLU A 24 18.36 17.07 -18.69
CA GLU A 24 18.98 17.77 -19.82
C GLU A 24 18.05 18.89 -20.33
N VAL A 25 16.77 18.56 -20.48
CA VAL A 25 15.83 19.56 -20.93
C VAL A 25 15.88 20.69 -19.92
N GLY A 26 16.17 20.35 -18.67
CA GLY A 26 16.24 21.38 -17.63
C GLY A 26 17.48 22.24 -17.81
N LYS A 27 18.58 21.62 -18.21
CA LYS A 27 19.81 22.37 -18.43
C LYS A 27 19.64 23.37 -19.58
N LYS A 28 18.94 22.96 -20.62
CA LYS A 28 18.72 23.85 -21.76
C LYS A 28 17.83 25.00 -21.28
N PHE A 29 16.84 24.66 -20.48
CA PHE A 29 15.90 25.63 -19.93
C PHE A 29 16.65 26.60 -19.02
N GLU A 30 17.58 26.07 -18.23
CA GLU A 30 18.37 26.88 -17.30
C GLU A 30 19.35 27.82 -18.01
N LYS A 31 19.89 27.37 -19.13
CA LYS A 31 20.81 28.21 -19.87
C LYS A 31 20.10 29.33 -20.61
N ASP A 32 18.82 29.15 -20.94
CA ASP A 32 18.10 30.18 -21.67
C ASP A 32 17.44 31.22 -20.79
N THR A 33 16.78 30.77 -19.73
CA THR A 33 16.09 31.69 -18.85
C THR A 33 16.98 32.14 -17.68
N GLY A 34 17.92 31.31 -17.27
CA GLY A 34 18.73 31.72 -16.13
C GLY A 34 18.11 31.21 -14.84
N ILE A 35 17.08 30.38 -14.97
CA ILE A 35 16.37 29.81 -13.84
C ILE A 35 16.82 28.37 -13.59
N LYS A 36 17.46 28.12 -12.45
CA LYS A 36 17.93 26.76 -12.12
C LYS A 36 16.79 25.74 -12.06
N VAL A 37 17.07 24.51 -12.51
CA VAL A 37 16.05 23.47 -12.50
C VAL A 37 16.68 22.20 -11.96
N THR A 38 16.14 21.70 -10.85
CA THR A 38 16.67 20.48 -10.25
C THR A 38 15.66 19.32 -10.37
N VAL A 39 16.08 18.21 -10.97
CA VAL A 39 15.21 17.07 -11.13
C VAL A 39 15.59 16.00 -10.11
N GLU A 40 14.67 15.73 -9.19
CA GLU A 40 14.91 14.72 -8.15
C GLU A 40 13.95 13.53 -8.34
N HIS A 41 14.35 12.37 -7.81
CA HIS A 41 13.53 11.16 -7.94
C HIS A 41 13.46 10.38 -6.63
N PRO A 42 12.83 10.97 -5.60
CA PRO A 42 12.68 10.33 -4.29
C PRO A 42 11.93 9.01 -4.39
N ASP A 43 12.06 8.17 -3.36
CA ASP A 43 11.35 6.90 -3.32
C ASP A 43 9.99 7.15 -2.66
N LYS A 44 9.01 6.30 -2.96
CA LYS A 44 7.67 6.44 -2.41
C LYS A 44 7.12 7.81 -2.78
N LEU A 45 7.60 8.32 -3.92
CA LEU A 45 7.16 9.61 -4.44
C LEU A 45 5.64 9.69 -4.48
N GLU A 46 4.99 8.58 -4.86
CA GLU A 46 3.53 8.49 -4.95
C GLU A 46 2.84 8.95 -3.65
N GLU A 47 3.50 8.76 -2.52
CA GLU A 47 2.93 9.13 -1.23
C GLU A 47 3.70 10.27 -0.56
N LYS A 48 4.93 10.51 -1.01
CA LYS A 48 5.73 11.57 -0.42
C LYS A 48 5.29 12.96 -0.84
N PHE A 49 4.83 13.09 -2.08
CA PHE A 49 4.36 14.37 -2.60
C PHE A 49 3.25 14.99 -1.75
N PRO A 50 2.13 14.26 -1.54
CA PRO A 50 1.03 14.80 -0.73
C PRO A 50 1.45 15.14 0.71
N GLN A 51 2.40 14.38 1.23
CA GLN A 51 2.91 14.59 2.59
C GLN A 51 3.34 16.05 2.75
N VAL A 52 4.33 16.47 1.96
CA VAL A 52 4.86 17.83 2.01
C VAL A 52 3.97 18.86 1.31
N ALA A 53 3.29 18.44 0.26
CA ALA A 53 2.43 19.34 -0.50
C ALA A 53 1.43 20.08 0.39
N ALA A 54 0.93 19.36 1.39
CA ALA A 54 -0.04 19.93 2.32
C ALA A 54 0.58 21.01 3.19
N THR A 55 1.76 20.73 3.73
CA THR A 55 2.44 21.70 4.58
C THR A 55 2.74 22.99 3.83
N GLY A 56 2.84 22.90 2.50
CA GLY A 56 3.13 24.09 1.71
C GLY A 56 4.44 24.01 0.95
N ASP A 57 5.20 22.96 1.21
CA ASP A 57 6.48 22.77 0.54
C ASP A 57 6.41 21.71 -0.56
N GLY A 58 7.56 21.18 -0.95
CA GLY A 58 7.57 20.17 -1.99
C GLY A 58 8.07 20.72 -3.33
N PRO A 59 7.98 19.91 -4.40
CA PRO A 59 8.42 20.32 -5.72
C PRO A 59 7.43 21.27 -6.41
N ASP A 60 7.86 21.90 -7.49
CA ASP A 60 7.01 22.83 -8.22
C ASP A 60 6.22 22.03 -9.24
N ILE A 61 6.85 21.00 -9.79
CA ILE A 61 6.22 20.16 -10.79
C ILE A 61 6.30 18.72 -10.32
N ILE A 62 5.25 17.92 -10.55
CA ILE A 62 5.23 16.52 -10.13
C ILE A 62 4.80 15.59 -11.29
N PHE A 63 5.59 14.56 -11.52
CA PHE A 63 5.30 13.61 -12.58
C PHE A 63 4.80 12.29 -12.06
N TRP A 64 3.71 11.81 -12.63
CA TRP A 64 3.15 10.55 -12.22
C TRP A 64 1.95 10.24 -13.11
N ALA A 65 1.42 9.02 -13.00
CA ALA A 65 0.26 8.63 -13.77
C ALA A 65 -0.98 9.44 -13.31
N HIS A 66 -1.93 9.63 -14.22
CA HIS A 66 -3.12 10.42 -13.92
C HIS A 66 -3.95 9.88 -12.78
N ASP A 67 -3.92 8.56 -12.59
CA ASP A 67 -4.71 7.92 -11.55
C ASP A 67 -4.54 8.52 -10.14
N ARG A 68 -3.43 9.17 -9.88
CA ARG A 68 -3.20 9.77 -8.58
C ARG A 68 -3.59 11.24 -8.52
N PHE A 69 -3.43 11.95 -9.63
CA PHE A 69 -3.71 13.39 -9.69
C PHE A 69 -5.09 13.79 -9.23
N GLY A 70 -6.07 12.91 -9.44
CA GLY A 70 -7.41 13.22 -8.99
C GLY A 70 -7.44 13.50 -7.50
N GLY A 71 -6.78 12.64 -6.72
CA GLY A 71 -6.75 12.84 -5.28
C GLY A 71 -6.05 14.13 -4.91
N TYR A 72 -4.89 14.38 -5.49
CA TYR A 72 -4.14 15.59 -5.18
C TYR A 72 -4.98 16.83 -5.46
N ALA A 73 -5.82 16.72 -6.48
CA ALA A 73 -6.68 17.83 -6.85
C ALA A 73 -7.72 18.09 -5.76
N GLN A 74 -8.41 17.04 -5.33
CA GLN A 74 -9.44 17.15 -4.31
C GLN A 74 -8.84 17.77 -3.05
N SER A 75 -7.66 17.31 -2.67
CA SER A 75 -6.99 17.83 -1.50
C SER A 75 -6.61 19.28 -1.70
N GLY A 76 -6.65 19.76 -2.94
CA GLY A 76 -6.27 21.14 -3.22
C GLY A 76 -4.77 21.33 -3.29
N LEU A 77 -4.04 20.30 -3.71
CA LEU A 77 -2.58 20.39 -3.81
C LEU A 77 -2.10 20.70 -5.22
N LEU A 78 -3.03 20.82 -6.16
CA LEU A 78 -2.65 21.13 -7.54
C LEU A 78 -3.27 22.41 -8.04
N ALA A 79 -2.69 22.98 -9.09
CA ALA A 79 -3.21 24.21 -9.68
C ALA A 79 -3.73 23.90 -11.06
N GLU A 80 -4.86 24.50 -11.42
CA GLU A 80 -5.45 24.27 -12.74
C GLU A 80 -4.59 24.89 -13.83
N ILE A 81 -4.11 24.06 -14.75
CA ILE A 81 -3.28 24.56 -15.83
C ILE A 81 -4.08 25.42 -16.80
N THR A 82 -3.42 26.38 -17.44
CA THR A 82 -4.10 27.28 -18.36
C THR A 82 -3.57 27.21 -19.80
N PRO A 83 -3.56 26.01 -20.41
CA PRO A 83 -3.06 25.89 -21.78
C PRO A 83 -4.01 26.48 -22.82
N ASP A 84 -3.53 27.46 -23.57
CA ASP A 84 -4.34 28.08 -24.59
C ASP A 84 -4.81 27.07 -25.63
N LYS A 85 -5.89 27.41 -26.32
CA LYS A 85 -6.48 26.54 -27.34
C LYS A 85 -5.45 26.00 -28.30
N ALA A 86 -4.64 26.89 -28.86
CA ALA A 86 -3.62 26.49 -29.81
C ALA A 86 -2.75 25.33 -29.30
N PHE A 87 -2.31 25.42 -28.04
CA PHE A 87 -1.47 24.38 -27.47
C PHE A 87 -2.20 23.04 -27.28
N GLN A 88 -3.47 23.11 -26.89
CA GLN A 88 -4.27 21.90 -26.68
C GLN A 88 -4.35 21.07 -27.94
N ASP A 89 -4.45 21.74 -29.08
CA ASP A 89 -4.56 21.05 -30.35
C ASP A 89 -3.32 20.24 -30.70
N LYS A 90 -2.20 20.51 -30.02
CA LYS A 90 -0.96 19.78 -30.28
C LYS A 90 -0.95 18.39 -29.64
N LEU A 91 -1.77 18.22 -28.62
CA LEU A 91 -1.85 16.94 -27.91
C LEU A 91 -3.17 16.22 -28.25
N TYR A 92 -3.15 14.89 -28.19
CA TYR A 92 -4.32 14.04 -28.47
C TYR A 92 -5.45 14.29 -27.46
N PRO A 93 -6.65 14.56 -27.96
CA PRO A 93 -7.78 14.82 -27.06
C PRO A 93 -8.10 13.63 -26.14
N PHE A 94 -7.50 12.50 -26.48
CA PHE A 94 -7.70 11.27 -25.73
C PHE A 94 -6.89 11.33 -24.42
N THR A 95 -5.72 11.94 -24.49
CA THR A 95 -4.85 12.07 -23.32
C THR A 95 -5.27 13.25 -22.43
N TRP A 96 -6.05 14.18 -22.98
CA TRP A 96 -6.52 15.32 -22.20
C TRP A 96 -7.58 14.91 -21.16
N ASP A 97 -8.39 13.90 -21.49
CA ASP A 97 -9.41 13.43 -20.55
C ASP A 97 -8.77 12.80 -19.31
N ALA A 98 -7.62 12.16 -19.51
CA ALA A 98 -6.91 11.49 -18.42
C ALA A 98 -6.50 12.47 -17.35
N VAL A 99 -6.26 13.71 -17.74
CA VAL A 99 -5.84 14.73 -16.81
C VAL A 99 -6.96 15.71 -16.46
N ARG A 100 -8.18 15.39 -16.86
CA ARG A 100 -9.32 16.25 -16.56
C ARG A 100 -10.11 15.71 -15.37
N TYR A 101 -10.20 16.51 -14.32
CA TYR A 101 -10.90 16.13 -13.11
C TYR A 101 -11.96 17.17 -12.77
N ASN A 102 -13.21 16.72 -12.66
CA ASN A 102 -14.33 17.58 -12.34
C ASN A 102 -14.50 18.69 -13.33
N GLY A 103 -14.03 18.45 -14.55
CA GLY A 103 -14.15 19.43 -15.61
C GLY A 103 -13.03 20.46 -15.66
N LYS A 104 -11.92 20.19 -14.98
CA LYS A 104 -10.78 21.10 -14.97
C LYS A 104 -9.51 20.34 -15.28
N LEU A 105 -8.65 20.92 -16.10
CA LEU A 105 -7.37 20.30 -16.45
C LEU A 105 -6.44 20.50 -15.26
N ILE A 106 -5.97 19.40 -14.67
CA ILE A 106 -5.09 19.46 -13.51
C ILE A 106 -3.66 19.00 -13.76
N ALA A 107 -3.30 18.79 -15.02
CA ALA A 107 -1.94 18.37 -15.32
C ALA A 107 -1.72 18.27 -16.81
N TYR A 108 -0.46 18.32 -17.22
CA TYR A 108 -0.15 18.19 -18.63
C TYR A 108 0.13 16.74 -19.00
N PRO A 109 -0.56 16.21 -20.01
CA PRO A 109 -0.36 14.82 -20.44
C PRO A 109 0.98 14.69 -21.17
N ILE A 110 1.76 13.66 -20.85
CA ILE A 110 3.05 13.47 -21.49
C ILE A 110 3.04 12.26 -22.42
N ALA A 111 2.72 11.11 -21.87
CA ALA A 111 2.67 9.89 -22.68
C ALA A 111 1.73 8.80 -22.14
N VAL A 112 1.39 7.85 -23.01
CA VAL A 112 0.51 6.76 -22.62
C VAL A 112 1.33 5.49 -22.46
N GLU A 113 1.29 4.90 -21.27
CA GLU A 113 2.04 3.68 -20.99
C GLU A 113 1.13 2.47 -20.69
N ALA A 114 1.57 1.29 -21.07
CA ALA A 114 0.80 0.08 -20.81
C ALA A 114 1.74 -1.10 -20.69
N LEU A 115 1.44 -2.01 -19.76
CA LEU A 115 2.29 -3.18 -19.54
C LEU A 115 2.21 -4.16 -20.70
N SER A 116 3.36 -4.68 -21.10
CA SER A 116 3.44 -5.66 -22.18
C SER A 116 4.33 -6.84 -21.77
N LEU A 117 4.30 -7.89 -22.59
CA LEU A 117 5.10 -9.09 -22.36
C LEU A 117 6.43 -9.00 -23.11
N ILE A 118 7.53 -8.97 -22.37
CA ILE A 118 8.85 -8.89 -22.95
C ILE A 118 9.47 -10.27 -22.85
N TYR A 119 9.88 -10.83 -23.98
CA TYR A 119 10.47 -12.17 -23.99
C TYR A 119 11.83 -12.22 -24.68
N ASN A 120 12.65 -13.17 -24.26
CA ASN A 120 13.98 -13.40 -24.84
C ASN A 120 13.83 -14.31 -26.08
N LYS A 121 14.04 -13.75 -27.26
CA LYS A 121 13.90 -14.51 -28.50
C LYS A 121 14.79 -15.76 -28.58
N ASP A 122 16.05 -15.62 -28.17
CA ASP A 122 16.98 -16.76 -28.24
C ASP A 122 16.48 -17.93 -27.41
N LEU A 123 15.90 -17.66 -26.25
CA LEU A 123 15.36 -18.69 -25.37
C LEU A 123 13.96 -19.11 -25.81
N LEU A 124 13.07 -18.14 -25.97
CA LEU A 124 11.71 -18.45 -26.39
C LEU A 124 11.41 -17.89 -27.76
N PRO A 125 11.78 -18.62 -28.82
CA PRO A 125 11.52 -18.17 -30.19
C PRO A 125 10.04 -17.88 -30.38
N ASN A 126 9.21 -18.46 -29.53
CA ASN A 126 7.77 -18.27 -29.60
C ASN A 126 7.16 -18.15 -28.22
N PRO A 127 6.84 -16.91 -27.79
CA PRO A 127 6.26 -16.67 -26.47
C PRO A 127 4.86 -17.26 -26.40
N PRO A 128 4.48 -17.78 -25.20
CA PRO A 128 3.17 -18.40 -24.96
C PRO A 128 2.00 -17.46 -25.19
N LYS A 129 0.88 -18.03 -25.61
CA LYS A 129 -0.32 -17.25 -25.87
C LYS A 129 -1.24 -17.22 -24.67
N THR A 130 -1.12 -18.23 -23.81
CA THR A 130 -1.96 -18.34 -22.62
C THR A 130 -1.15 -18.55 -21.33
N TRP A 131 -1.65 -18.05 -20.21
CA TRP A 131 -0.93 -18.23 -18.96
C TRP A 131 -0.84 -19.71 -18.61
N GLU A 132 -1.91 -20.45 -18.88
CA GLU A 132 -2.00 -21.86 -18.56
C GLU A 132 -0.82 -22.65 -19.06
N GLU A 133 -0.29 -22.25 -20.20
CA GLU A 133 0.83 -22.98 -20.79
C GLU A 133 2.19 -22.53 -20.29
N ILE A 134 2.19 -21.67 -19.27
CA ILE A 134 3.45 -21.16 -18.74
C ILE A 134 4.09 -22.14 -17.79
N PRO A 135 3.33 -22.71 -16.86
CA PRO A 135 3.88 -23.68 -15.89
C PRO A 135 4.72 -24.77 -16.56
N ALA A 136 4.15 -25.40 -17.58
CA ALA A 136 4.83 -26.47 -18.31
C ALA A 136 6.09 -25.94 -18.98
N LEU A 137 6.03 -24.72 -19.48
CA LEU A 137 7.18 -24.09 -20.13
C LEU A 137 8.32 -23.86 -19.12
N ASP A 138 7.96 -23.62 -17.87
CA ASP A 138 8.96 -23.37 -16.83
C ASP A 138 9.59 -24.67 -16.39
N LYS A 139 8.83 -25.76 -16.49
CA LYS A 139 9.30 -27.07 -16.07
C LYS A 139 10.57 -27.48 -16.80
N GLU A 140 10.62 -27.27 -18.12
CA GLU A 140 11.80 -27.64 -18.87
C GLU A 140 12.89 -26.60 -18.85
N LEU A 141 12.50 -25.33 -18.88
CA LEU A 141 13.49 -24.25 -18.84
C LEU A 141 14.38 -24.41 -17.60
N LYS A 142 13.76 -24.91 -16.52
CA LYS A 142 14.49 -25.11 -15.27
C LYS A 142 15.57 -26.15 -15.51
N ALA A 143 15.29 -27.12 -16.36
CA ALA A 143 16.25 -28.17 -16.68
C ALA A 143 17.55 -27.58 -17.20
N LYS A 144 17.49 -26.33 -17.66
CA LYS A 144 18.68 -25.66 -18.18
C LYS A 144 19.05 -24.45 -17.31
N GLY A 145 18.73 -24.54 -16.02
CA GLY A 145 19.03 -23.49 -15.06
C GLY A 145 18.46 -22.12 -15.43
N LYS A 146 17.23 -22.11 -15.92
CA LYS A 146 16.57 -20.87 -16.32
C LYS A 146 15.10 -20.84 -15.87
N SER A 147 14.49 -19.66 -15.93
CA SER A 147 13.08 -19.49 -15.55
C SER A 147 12.19 -19.21 -16.75
N ALA A 148 10.88 -19.20 -16.52
CA ALA A 148 9.95 -18.92 -17.59
C ALA A 148 9.47 -17.47 -17.54
N LEU A 149 8.94 -17.09 -16.38
CA LEU A 149 8.39 -15.74 -16.18
C LEU A 149 8.86 -15.13 -14.87
N MET A 150 9.11 -13.82 -14.88
CA MET A 150 9.56 -13.17 -13.67
C MET A 150 9.29 -11.67 -13.70
N PHE A 151 8.32 -11.25 -12.89
CA PHE A 151 7.98 -9.84 -12.81
C PHE A 151 7.78 -9.39 -11.35
N ASN A 152 7.60 -8.09 -11.18
CA ASN A 152 7.44 -7.55 -9.85
C ASN A 152 6.10 -7.94 -9.24
N LEU A 153 6.15 -8.51 -8.03
CA LEU A 153 4.95 -8.93 -7.31
C LEU A 153 4.65 -8.03 -6.11
N GLN A 154 5.50 -7.04 -5.87
CA GLN A 154 5.30 -6.11 -4.76
C GLN A 154 4.32 -4.98 -5.11
N GLU A 155 4.03 -4.82 -6.40
CA GLU A 155 3.10 -3.79 -6.86
C GLU A 155 1.93 -4.43 -7.61
N PRO A 156 0.72 -4.26 -7.07
CA PRO A 156 -0.45 -4.86 -7.71
C PRO A 156 -0.64 -4.42 -9.16
N TYR A 157 0.08 -3.38 -9.55
CA TYR A 157 0.00 -2.87 -10.91
C TYR A 157 0.38 -3.92 -11.95
N PHE A 158 1.39 -4.71 -11.63
CA PHE A 158 1.88 -5.73 -12.54
C PHE A 158 1.04 -6.99 -12.62
N THR A 159 0.37 -7.34 -11.52
CA THR A 159 -0.44 -8.55 -11.50
C THR A 159 -1.90 -8.28 -11.82
N TRP A 160 -2.26 -7.01 -11.96
CA TRP A 160 -3.65 -6.63 -12.25
C TRP A 160 -4.16 -7.20 -13.55
N PRO A 161 -3.36 -7.14 -14.63
CA PRO A 161 -3.82 -7.67 -15.91
C PRO A 161 -4.43 -9.07 -15.80
N LEU A 162 -3.80 -9.91 -15.00
CA LEU A 162 -4.27 -11.28 -14.78
C LEU A 162 -5.55 -11.30 -13.93
N ILE A 163 -5.55 -10.53 -12.85
CA ILE A 163 -6.71 -10.46 -11.96
C ILE A 163 -7.98 -10.01 -12.68
N ALA A 164 -7.86 -8.97 -13.51
CA ALA A 164 -9.00 -8.44 -14.25
C ALA A 164 -9.33 -9.21 -15.54
N ALA A 165 -8.43 -10.10 -15.92
CA ALA A 165 -8.61 -10.88 -17.13
C ALA A 165 -9.95 -11.60 -17.15
N ASP A 166 -10.27 -12.31 -16.06
CA ASP A 166 -11.50 -13.09 -15.95
C ASP A 166 -12.71 -12.26 -15.58
N GLY A 167 -12.56 -11.34 -14.63
CA GLY A 167 -13.70 -10.52 -14.23
C GLY A 167 -13.41 -9.47 -13.19
N GLY A 168 -12.16 -9.40 -12.74
CA GLY A 168 -11.83 -8.41 -11.74
C GLY A 168 -11.86 -6.99 -12.28
N TYR A 169 -12.13 -6.04 -11.40
CA TYR A 169 -12.17 -4.64 -11.80
C TYR A 169 -12.19 -3.72 -10.59
N ALA A 170 -11.80 -2.47 -10.77
CA ALA A 170 -11.76 -1.53 -9.67
C ALA A 170 -13.16 -0.99 -9.35
N PHE A 171 -13.61 -0.02 -10.11
CA PHE A 171 -14.94 0.56 -9.87
C PHE A 171 -15.81 0.45 -11.11
N LYS A 172 -17.04 -0.04 -10.95
CA LYS A 172 -17.97 -0.18 -12.06
C LYS A 172 -18.20 1.18 -12.73
N TYR A 173 -18.25 1.18 -14.07
CA TYR A 173 -18.45 2.41 -14.80
C TYR A 173 -19.75 2.38 -15.61
N GLU A 174 -20.62 3.35 -15.34
CA GLU A 174 -21.92 3.46 -16.03
C GLU A 174 -22.39 4.91 -16.08
N ASN A 175 -22.73 5.37 -17.28
CA ASN A 175 -23.20 6.74 -17.51
C ASN A 175 -22.11 7.77 -17.20
N GLY A 176 -20.91 7.54 -17.75
CA GLY A 176 -19.80 8.44 -17.52
C GLY A 176 -19.58 8.75 -16.05
N LYS A 177 -19.71 7.74 -15.21
CA LYS A 177 -19.54 7.92 -13.77
C LYS A 177 -19.07 6.60 -13.09
N TYR A 178 -18.26 6.74 -12.06
CA TYR A 178 -17.75 5.59 -11.30
C TYR A 178 -18.56 5.35 -10.03
N ASP A 179 -18.91 4.08 -9.78
CA ASP A 179 -19.68 3.75 -8.59
C ASP A 179 -18.72 3.40 -7.45
N ILE A 180 -18.43 4.36 -6.58
CA ILE A 180 -17.52 4.14 -5.47
C ILE A 180 -17.95 3.06 -4.48
N LYS A 181 -19.08 2.41 -4.75
CA LYS A 181 -19.56 1.35 -3.86
C LYS A 181 -19.48 -0.01 -4.54
N ASP A 182 -19.39 0.00 -5.86
CA ASP A 182 -19.30 -1.24 -6.63
C ASP A 182 -17.85 -1.60 -6.92
N VAL A 183 -17.25 -2.40 -6.05
CA VAL A 183 -15.86 -2.82 -6.23
C VAL A 183 -15.81 -4.32 -6.56
N GLY A 184 -15.15 -4.67 -7.67
CA GLY A 184 -15.06 -6.06 -8.08
C GLY A 184 -13.68 -6.67 -7.92
N VAL A 185 -13.16 -6.67 -6.70
CA VAL A 185 -11.85 -7.24 -6.44
C VAL A 185 -11.97 -8.58 -5.72
N ASP A 186 -13.20 -8.98 -5.41
CA ASP A 186 -13.40 -10.25 -4.72
C ASP A 186 -14.49 -11.10 -5.39
N ASN A 187 -14.73 -10.85 -6.68
CA ASN A 187 -15.69 -11.63 -7.43
C ASN A 187 -15.04 -12.92 -8.00
N ALA A 188 -15.83 -13.70 -8.73
CA ALA A 188 -15.36 -14.96 -9.33
C ALA A 188 -14.12 -14.73 -10.19
N GLY A 189 -14.20 -13.71 -11.04
CA GLY A 189 -13.09 -13.40 -11.93
C GLY A 189 -11.79 -13.11 -11.19
N ALA A 190 -11.77 -12.01 -10.44
CA ALA A 190 -10.59 -11.62 -9.70
C ALA A 190 -9.99 -12.79 -8.92
N LYS A 191 -10.84 -13.57 -8.25
CA LYS A 191 -10.37 -14.71 -7.47
C LYS A 191 -9.55 -15.70 -8.28
N ALA A 192 -10.09 -16.11 -9.43
CA ALA A 192 -9.39 -17.05 -10.28
C ALA A 192 -8.02 -16.52 -10.67
N GLY A 193 -7.99 -15.29 -11.15
CA GLY A 193 -6.73 -14.72 -11.56
C GLY A 193 -5.65 -14.78 -10.50
N LEU A 194 -5.96 -14.29 -9.29
CA LEU A 194 -4.99 -14.27 -8.19
C LEU A 194 -4.75 -15.68 -7.71
N THR A 195 -5.73 -16.56 -7.88
CA THR A 195 -5.55 -17.95 -7.49
C THR A 195 -4.49 -18.60 -8.37
N PHE A 196 -4.46 -18.23 -9.64
CA PHE A 196 -3.48 -18.78 -10.58
C PHE A 196 -2.07 -18.32 -10.19
N LEU A 197 -1.96 -17.03 -9.89
CA LEU A 197 -0.68 -16.44 -9.50
C LEU A 197 -0.09 -17.16 -8.30
N VAL A 198 -0.93 -17.44 -7.30
CA VAL A 198 -0.49 -18.11 -6.11
C VAL A 198 -0.03 -19.53 -6.43
N ASP A 199 -0.81 -20.23 -7.25
CA ASP A 199 -0.44 -21.58 -7.59
C ASP A 199 0.89 -21.64 -8.34
N LEU A 200 1.27 -20.53 -8.97
CA LEU A 200 2.53 -20.48 -9.67
C LEU A 200 3.65 -20.45 -8.64
N ILE A 201 3.43 -19.76 -7.52
CA ILE A 201 4.44 -19.68 -6.46
C ILE A 201 4.54 -21.02 -5.74
N LYS A 202 3.40 -21.53 -5.30
CA LYS A 202 3.33 -22.79 -4.61
C LYS A 202 4.06 -23.88 -5.38
N ASN A 203 3.88 -23.92 -6.70
CA ASN A 203 4.53 -24.91 -7.57
C ASN A 203 5.96 -24.55 -7.91
N LYS A 204 6.53 -23.62 -7.14
CA LYS A 204 7.90 -23.17 -7.31
C LYS A 204 8.22 -22.66 -8.72
N HIS A 205 7.22 -22.13 -9.41
CA HIS A 205 7.46 -21.60 -10.73
C HIS A 205 7.79 -20.14 -10.63
N MET A 206 7.66 -19.57 -9.44
CA MET A 206 7.91 -18.16 -9.23
C MET A 206 8.07 -17.85 -7.74
N ASN A 207 8.96 -16.92 -7.40
CA ASN A 207 9.18 -16.56 -6.00
C ASN A 207 8.24 -15.47 -5.52
N ALA A 208 7.92 -15.48 -4.23
CA ALA A 208 7.01 -14.49 -3.65
C ALA A 208 7.67 -13.18 -3.31
N ASP A 209 8.97 -13.23 -3.03
CA ASP A 209 9.70 -12.01 -2.70
C ASP A 209 10.20 -11.27 -3.94
N THR A 210 9.95 -11.84 -5.12
CA THR A 210 10.39 -11.22 -6.35
C THR A 210 9.88 -9.81 -6.43
N ASP A 211 10.80 -8.86 -6.63
CA ASP A 211 10.50 -7.43 -6.76
C ASP A 211 10.90 -6.91 -8.13
N TYR A 212 10.90 -5.59 -8.29
CA TYR A 212 11.24 -4.99 -9.58
C TYR A 212 12.69 -5.24 -9.97
N SER A 213 13.62 -4.87 -9.08
CA SER A 213 15.06 -5.04 -9.30
C SER A 213 15.43 -6.49 -9.65
N ILE A 214 15.01 -7.43 -8.80
CA ILE A 214 15.29 -8.84 -9.04
C ILE A 214 14.83 -9.26 -10.42
N ALA A 215 13.57 -8.97 -10.75
CA ALA A 215 13.01 -9.32 -12.06
C ALA A 215 13.81 -8.74 -13.22
N GLU A 216 14.12 -7.45 -13.14
CA GLU A 216 14.88 -6.79 -14.19
C GLU A 216 16.27 -7.39 -14.40
N ALA A 217 16.97 -7.64 -13.29
CA ALA A 217 18.30 -8.21 -13.35
C ALA A 217 18.26 -9.59 -13.94
N ALA A 218 17.33 -10.39 -13.44
CA ALA A 218 17.19 -11.77 -13.91
C ALA A 218 16.94 -11.85 -15.42
N PHE A 219 16.16 -10.91 -15.94
CA PHE A 219 15.85 -10.95 -17.36
C PHE A 219 16.97 -10.43 -18.21
N ASN A 220 17.52 -9.27 -17.85
CA ASN A 220 18.61 -8.67 -18.61
C ASN A 220 19.86 -9.56 -18.61
N LYS A 221 19.96 -10.49 -17.66
CA LYS A 221 21.09 -11.40 -17.58
C LYS A 221 20.81 -12.74 -18.28
N GLY A 222 19.58 -12.90 -18.78
CA GLY A 222 19.20 -14.13 -19.45
C GLY A 222 18.89 -15.29 -18.52
N GLU A 223 18.47 -14.99 -17.29
CA GLU A 223 18.16 -16.03 -16.31
C GLU A 223 16.67 -16.43 -16.41
N THR A 224 15.85 -15.52 -16.93
CA THR A 224 14.43 -15.79 -17.08
C THR A 224 14.05 -15.62 -18.54
N ALA A 225 13.08 -16.40 -18.99
CA ALA A 225 12.65 -16.35 -20.37
C ALA A 225 11.78 -15.17 -20.72
N MET A 226 10.95 -14.73 -19.76
CA MET A 226 10.03 -13.63 -20.00
C MET A 226 9.89 -12.70 -18.80
N THR A 227 9.23 -11.57 -19.00
CA THR A 227 9.00 -10.63 -17.92
C THR A 227 7.92 -9.65 -18.34
N ILE A 228 7.32 -8.97 -17.35
CA ILE A 228 6.27 -8.00 -17.60
C ILE A 228 6.70 -6.61 -17.12
N ASN A 229 6.78 -5.67 -18.06
CA ASN A 229 7.17 -4.31 -17.73
C ASN A 229 6.62 -3.32 -18.75
N GLY A 230 6.96 -2.04 -18.56
CA GLY A 230 6.47 -1.00 -19.45
C GLY A 230 7.58 -0.50 -20.33
N PRO A 231 7.30 0.49 -21.20
CA PRO A 231 8.25 1.09 -22.14
C PRO A 231 9.58 1.50 -21.50
N TRP A 232 9.51 2.13 -20.34
CA TRP A 232 10.70 2.61 -19.63
C TRP A 232 11.76 1.55 -19.37
N ALA A 233 11.34 0.29 -19.46
CA ALA A 233 12.23 -0.83 -19.21
C ALA A 233 13.00 -1.29 -20.44
N TRP A 234 12.63 -0.79 -21.62
CA TRP A 234 13.31 -1.19 -22.85
C TRP A 234 14.72 -0.66 -22.93
N SER A 235 14.94 0.50 -22.31
CA SER A 235 16.24 1.14 -22.31
C SER A 235 17.35 0.28 -21.70
N ASN A 236 17.16 -0.20 -20.47
CA ASN A 236 18.19 -1.02 -19.82
C ASN A 236 18.42 -2.37 -20.52
N ILE A 237 17.41 -2.87 -21.21
CA ILE A 237 17.52 -4.15 -21.90
C ILE A 237 18.45 -4.02 -23.09
N ASP A 238 18.35 -2.88 -23.78
CA ASP A 238 19.20 -2.61 -24.94
C ASP A 238 20.68 -2.73 -24.56
N THR A 239 21.09 -2.00 -23.54
CA THR A 239 22.47 -2.01 -23.11
C THR A 239 22.93 -3.40 -22.66
N SER A 240 21.99 -4.34 -22.57
CA SER A 240 22.34 -5.69 -22.16
C SER A 240 22.31 -6.63 -23.35
N LYS A 241 23.13 -7.66 -23.31
CA LYS A 241 23.20 -8.63 -24.39
C LYS A 241 21.99 -9.56 -24.46
N VAL A 242 20.84 -9.00 -24.81
CA VAL A 242 19.61 -9.78 -24.88
C VAL A 242 18.74 -9.35 -26.05
N ASN A 243 18.40 -10.30 -26.90
CA ASN A 243 17.55 -10.03 -28.05
C ASN A 243 16.10 -10.20 -27.64
N TYR A 244 15.50 -9.15 -27.10
CA TYR A 244 14.12 -9.22 -26.64
C TYR A 244 13.04 -8.94 -27.70
N GLY A 245 11.78 -8.97 -27.28
CA GLY A 245 10.68 -8.72 -28.18
C GLY A 245 9.46 -8.37 -27.34
N VAL A 246 8.77 -7.29 -27.69
CA VAL A 246 7.58 -6.84 -26.94
C VAL A 246 6.32 -7.26 -27.68
N THR A 247 5.47 -8.04 -27.03
CA THR A 247 4.26 -8.50 -27.68
C THR A 247 3.10 -8.55 -26.69
N VAL A 248 1.91 -8.86 -27.21
CA VAL A 248 0.69 -8.93 -26.42
C VAL A 248 0.84 -9.87 -25.23
N LEU A 249 0.17 -9.53 -24.12
CA LEU A 249 0.21 -10.33 -22.90
C LEU A 249 -0.54 -11.65 -23.08
N PRO A 250 -0.18 -12.67 -22.32
CA PRO A 250 -0.85 -13.96 -22.40
C PRO A 250 -2.35 -13.84 -22.10
N THR A 251 -3.13 -14.80 -22.58
CA THR A 251 -4.57 -14.79 -22.33
C THR A 251 -4.90 -15.82 -21.27
N PHE A 252 -5.65 -15.39 -20.26
CA PHE A 252 -6.05 -16.28 -19.17
C PHE A 252 -7.50 -16.74 -19.35
N LYS A 253 -7.69 -18.05 -19.48
CA LYS A 253 -9.03 -18.63 -19.65
C LYS A 253 -9.69 -18.11 -20.92
N GLY A 254 -8.95 -18.12 -22.03
CA GLY A 254 -9.50 -17.67 -23.30
C GLY A 254 -9.61 -16.16 -23.44
N GLN A 255 -9.68 -15.47 -22.32
CA GLN A 255 -9.79 -14.01 -22.32
C GLN A 255 -8.42 -13.33 -22.22
N PRO A 256 -8.27 -12.16 -22.87
CA PRO A 256 -7.02 -11.41 -22.83
C PRO A 256 -6.75 -10.72 -21.49
N SER A 257 -5.49 -10.42 -21.24
CA SER A 257 -5.11 -9.76 -20.01
C SER A 257 -5.41 -8.27 -20.19
N LYS A 258 -6.13 -7.72 -19.24
CA LYS A 258 -6.50 -6.32 -19.30
C LYS A 258 -5.63 -5.45 -18.38
N PRO A 259 -4.53 -4.90 -18.91
CA PRO A 259 -3.63 -4.08 -18.11
C PRO A 259 -4.16 -2.66 -17.92
N PHE A 260 -3.97 -2.09 -16.74
CA PHE A 260 -4.41 -0.74 -16.48
C PHE A 260 -3.58 0.24 -17.29
N VAL A 261 -4.23 1.05 -18.11
CA VAL A 261 -3.52 2.03 -18.91
C VAL A 261 -3.30 3.33 -18.13
N GLY A 262 -2.09 3.85 -18.12
CA GLY A 262 -1.83 5.09 -17.42
C GLY A 262 -1.26 6.19 -18.32
N VAL A 263 -1.56 7.45 -17.99
CA VAL A 263 -1.05 8.57 -18.76
C VAL A 263 -0.08 9.39 -17.91
N LEU A 264 1.22 9.26 -18.16
CA LEU A 264 2.22 10.00 -17.41
C LEU A 264 1.89 11.48 -17.53
N SER A 265 1.68 12.12 -16.39
CA SER A 265 1.30 13.52 -16.39
C SER A 265 2.19 14.37 -15.50
N ALA A 266 2.22 15.66 -15.78
CA ALA A 266 3.01 16.58 -15.00
C ALA A 266 2.09 17.62 -14.38
N GLY A 267 2.16 17.76 -13.06
CA GLY A 267 1.29 18.72 -12.41
C GLY A 267 2.06 19.84 -11.75
N ILE A 268 1.43 21.00 -11.58
CA ILE A 268 2.07 22.15 -10.95
C ILE A 268 1.55 22.30 -9.52
N ASN A 269 2.47 22.32 -8.55
CA ASN A 269 2.09 22.46 -7.16
C ASN A 269 1.27 23.72 -6.96
N ALA A 270 0.15 23.59 -6.24
CA ALA A 270 -0.74 24.74 -5.97
C ALA A 270 -0.13 25.71 -4.96
N ALA A 271 1.03 25.35 -4.41
CA ALA A 271 1.67 26.23 -3.46
C ALA A 271 3.00 26.80 -3.99
N SER A 272 3.20 26.73 -5.30
CA SER A 272 4.42 27.22 -5.95
C SER A 272 4.24 28.64 -6.49
N PRO A 273 5.30 29.46 -6.40
CA PRO A 273 5.26 30.85 -6.87
C PRO A 273 5.92 30.90 -8.23
N ASN A 274 6.08 29.73 -8.86
CA ASN A 274 6.72 29.60 -10.16
C ASN A 274 5.74 28.93 -11.11
N LYS A 275 4.46 29.18 -10.91
CA LYS A 275 3.44 28.57 -11.74
C LYS A 275 3.67 28.96 -13.20
N GLU A 276 4.08 30.21 -13.42
CA GLU A 276 4.36 30.70 -14.77
C GLU A 276 5.64 30.12 -15.35
N LEU A 277 6.67 30.04 -14.52
CA LEU A 277 7.93 29.48 -14.96
C LEU A 277 7.70 28.01 -15.29
N ALA A 278 6.79 27.37 -14.55
CA ALA A 278 6.46 25.95 -14.75
C ALA A 278 5.77 25.76 -16.09
N LYS A 279 4.66 26.46 -16.28
CA LYS A 279 3.93 26.36 -17.54
C LYS A 279 4.86 26.53 -18.73
N GLU A 280 5.71 27.54 -18.65
CA GLU A 280 6.65 27.83 -19.72
C GLU A 280 7.55 26.65 -20.03
N PHE A 281 8.01 25.99 -18.97
CA PHE A 281 8.90 24.85 -19.10
C PHE A 281 8.21 23.63 -19.69
N LEU A 282 7.04 23.28 -19.15
CA LEU A 282 6.29 22.12 -19.63
C LEU A 282 5.67 22.33 -21.00
N GLU A 283 5.47 23.58 -21.40
CA GLU A 283 4.87 23.86 -22.69
C GLU A 283 5.86 24.21 -23.83
N ASN A 284 6.93 24.94 -23.50
CA ASN A 284 7.89 25.34 -24.53
C ASN A 284 9.19 24.58 -24.57
N TYR A 285 9.37 23.62 -23.66
CA TYR A 285 10.59 22.84 -23.62
C TYR A 285 10.37 21.34 -23.61
N LEU A 286 9.69 20.84 -22.58
CA LEU A 286 9.41 19.41 -22.44
C LEU A 286 8.45 18.90 -23.51
N LEU A 287 7.25 19.46 -23.54
CA LEU A 287 6.25 19.03 -24.50
C LEU A 287 6.53 19.51 -25.92
N THR A 288 7.71 19.16 -26.43
CA THR A 288 8.12 19.53 -27.80
C THR A 288 8.83 18.34 -28.42
N ASP A 289 8.97 18.35 -29.74
CA ASP A 289 9.65 17.23 -30.41
C ASP A 289 11.02 16.95 -29.79
N GLU A 290 11.86 17.98 -29.71
CA GLU A 290 13.20 17.80 -29.16
C GLU A 290 13.13 17.49 -27.68
N GLY A 291 12.19 18.12 -26.99
CA GLY A 291 12.05 17.88 -25.57
C GLY A 291 11.78 16.42 -25.23
N LEU A 292 10.67 15.89 -25.75
CA LEU A 292 10.26 14.51 -25.49
C LEU A 292 11.25 13.51 -26.04
N GLU A 293 12.04 13.92 -27.03
CA GLU A 293 13.03 13.02 -27.61
C GLU A 293 14.16 12.86 -26.59
N ALA A 294 14.60 13.96 -26.00
CA ALA A 294 15.68 13.89 -25.03
C ALA A 294 15.29 12.95 -23.90
N VAL A 295 14.06 13.07 -23.42
CA VAL A 295 13.56 12.23 -22.35
C VAL A 295 13.44 10.80 -22.84
N ASN A 296 12.73 10.63 -23.94
CA ASN A 296 12.52 9.32 -24.53
C ASN A 296 13.84 8.62 -24.77
N LYS A 297 14.83 9.41 -25.17
CA LYS A 297 16.18 8.92 -25.46
C LYS A 297 16.71 8.16 -24.25
N ASP A 298 16.52 8.75 -23.07
CA ASP A 298 16.99 8.14 -21.82
C ASP A 298 16.19 6.88 -21.53
N LYS A 299 14.88 7.03 -21.31
CA LYS A 299 14.01 5.89 -21.05
C LYS A 299 12.68 6.11 -21.73
N PRO A 300 12.32 5.20 -22.65
CA PRO A 300 11.08 5.21 -23.43
C PRO A 300 9.84 5.69 -22.68
N LEU A 301 9.05 6.49 -23.38
CA LEU A 301 7.82 7.02 -22.83
C LEU A 301 6.60 6.33 -23.43
N GLY A 302 6.80 5.40 -24.35
CA GLY A 302 5.66 4.72 -24.96
C GLY A 302 5.04 5.56 -26.07
N ALA A 303 3.76 5.87 -25.93
CA ALA A 303 3.08 6.69 -26.92
C ALA A 303 2.93 8.11 -26.40
N VAL A 304 3.78 9.01 -26.91
CA VAL A 304 3.75 10.41 -26.50
C VAL A 304 2.48 11.13 -26.92
N ALA A 305 2.01 12.00 -26.05
CA ALA A 305 0.79 12.79 -26.27
C ALA A 305 0.96 13.83 -27.36
N LEU A 306 2.20 14.21 -27.63
CA LEU A 306 2.47 15.20 -28.65
C LEU A 306 2.26 14.56 -30.01
N LYS A 307 1.19 14.95 -30.71
CA LYS A 307 0.85 14.39 -32.02
C LYS A 307 2.04 14.26 -32.98
N SER A 308 2.76 15.36 -33.15
CA SER A 308 3.92 15.41 -34.04
C SER A 308 4.95 14.33 -33.76
N TYR A 309 5.46 14.28 -32.54
CA TYR A 309 6.49 13.30 -32.18
C TYR A 309 5.97 11.87 -32.12
N GLU A 310 4.67 11.74 -31.88
CA GLU A 310 4.01 10.45 -31.81
C GLU A 310 4.01 9.77 -33.18
N GLU A 311 3.76 10.54 -34.23
CA GLU A 311 3.71 10.04 -35.59
C GLU A 311 5.06 9.52 -36.06
N GLU A 312 6.15 10.05 -35.51
CA GLU A 312 7.50 9.60 -35.84
C GLU A 312 7.80 8.23 -35.22
N LEU A 313 7.48 8.09 -33.93
CA LEU A 313 7.73 6.84 -33.23
C LEU A 313 6.68 5.79 -33.55
N ALA A 314 5.59 6.20 -34.21
CA ALA A 314 4.51 5.29 -34.56
C ALA A 314 4.96 4.02 -35.30
N LYS A 315 6.10 4.12 -35.99
CA LYS A 315 6.64 2.99 -36.74
C LYS A 315 7.26 1.91 -35.85
N ASP A 316 7.65 2.29 -34.63
CA ASP A 316 8.26 1.36 -33.67
C ASP A 316 7.32 0.19 -33.36
N PRO A 317 7.75 -1.04 -33.64
CA PRO A 317 6.93 -2.23 -33.38
C PRO A 317 6.63 -2.44 -31.87
N ARG A 318 7.53 -1.97 -31.02
CA ARG A 318 7.37 -2.06 -29.57
C ARG A 318 6.21 -1.17 -29.12
N ILE A 319 6.15 0.05 -29.62
CA ILE A 319 5.07 0.99 -29.26
C ILE A 319 3.73 0.38 -29.72
N ALA A 320 3.75 -0.27 -30.88
CA ALA A 320 2.54 -0.88 -31.41
C ALA A 320 2.01 -1.99 -30.46
N ALA A 321 2.92 -2.77 -29.88
CA ALA A 321 2.57 -3.83 -28.94
C ALA A 321 1.96 -3.21 -27.69
N THR A 322 2.56 -2.11 -27.21
CA THR A 322 2.06 -1.44 -26.03
C THR A 322 0.64 -0.96 -26.27
N MET A 323 0.36 -0.51 -27.48
CA MET A 323 -0.96 -0.02 -27.86
C MET A 323 -1.95 -1.16 -27.98
N GLU A 324 -1.51 -2.29 -28.53
CA GLU A 324 -2.38 -3.44 -28.68
C GLU A 324 -2.83 -3.85 -27.31
N ASN A 325 -1.88 -3.92 -26.37
CA ASN A 325 -2.21 -4.29 -24.98
C ASN A 325 -3.11 -3.26 -24.32
N ALA A 326 -2.87 -1.98 -24.58
CA ALA A 326 -3.66 -0.93 -23.98
C ALA A 326 -5.13 -1.03 -24.41
N GLN A 327 -5.36 -1.35 -25.67
CA GLN A 327 -6.74 -1.51 -26.16
C GLN A 327 -7.46 -2.61 -25.37
N LYS A 328 -6.77 -3.72 -25.15
CA LYS A 328 -7.36 -4.84 -24.40
C LYS A 328 -7.73 -4.39 -22.99
N GLY A 329 -6.88 -3.54 -22.39
CA GLY A 329 -7.11 -3.04 -21.04
C GLY A 329 -8.03 -1.83 -20.97
N GLU A 330 -8.00 -1.13 -19.84
CA GLU A 330 -8.82 0.07 -19.66
C GLU A 330 -8.02 1.21 -19.00
N ILE A 331 -8.49 2.43 -19.18
CA ILE A 331 -7.83 3.59 -18.59
C ILE A 331 -8.04 3.60 -17.07
N MET A 332 -7.03 4.05 -16.33
CA MET A 332 -7.14 4.07 -14.88
C MET A 332 -8.03 5.20 -14.40
N PRO A 333 -8.88 4.91 -13.40
CA PRO A 333 -9.77 5.94 -12.85
C PRO A 333 -8.89 6.94 -12.11
N ASN A 334 -9.34 8.20 -12.05
CA ASN A 334 -8.56 9.21 -11.37
C ASN A 334 -9.30 9.77 -10.17
N ILE A 335 -10.30 9.04 -9.68
CA ILE A 335 -11.05 9.49 -8.51
C ILE A 335 -10.18 9.37 -7.25
N PRO A 336 -10.48 10.15 -6.20
CA PRO A 336 -9.74 10.15 -4.93
C PRO A 336 -9.57 8.79 -4.26
N GLN A 337 -10.59 7.95 -4.35
CA GLN A 337 -10.52 6.64 -3.73
C GLN A 337 -9.46 5.70 -4.35
N MET A 338 -8.95 6.03 -5.54
CA MET A 338 -7.94 5.19 -6.18
C MET A 338 -6.78 4.82 -5.23
N SER A 339 -6.45 5.72 -4.31
CA SER A 339 -5.37 5.46 -3.35
C SER A 339 -5.74 4.30 -2.46
N ALA A 340 -6.96 4.35 -1.91
CA ALA A 340 -7.44 3.29 -1.05
C ALA A 340 -7.48 1.96 -1.80
N PHE A 341 -7.88 2.02 -3.06
CA PHE A 341 -7.96 0.83 -3.86
C PHE A 341 -6.61 0.15 -3.99
N TRP A 342 -5.66 0.90 -4.53
CA TRP A 342 -4.31 0.38 -4.74
C TRP A 342 -3.69 -0.23 -3.50
N TYR A 343 -3.85 0.43 -2.38
CA TYR A 343 -3.28 -0.07 -1.13
C TYR A 343 -3.97 -1.37 -0.72
N ALA A 344 -5.27 -1.43 -0.92
CA ALA A 344 -6.02 -2.61 -0.53
C ALA A 344 -5.63 -3.79 -1.38
N VAL A 345 -5.44 -3.53 -2.68
CA VAL A 345 -5.09 -4.60 -3.61
C VAL A 345 -3.66 -5.04 -3.37
N ARG A 346 -2.77 -4.07 -3.17
CA ARG A 346 -1.36 -4.33 -2.91
C ARG A 346 -1.24 -5.27 -1.71
N THR A 347 -2.04 -5.01 -0.67
CA THR A 347 -2.03 -5.84 0.53
C THR A 347 -2.52 -7.26 0.24
N ALA A 348 -3.62 -7.38 -0.48
CA ALA A 348 -4.14 -8.69 -0.81
C ALA A 348 -3.14 -9.55 -1.59
N VAL A 349 -2.64 -9.02 -2.71
CA VAL A 349 -1.67 -9.73 -3.56
C VAL A 349 -0.43 -10.20 -2.78
N ILE A 350 0.13 -9.31 -1.98
CA ILE A 350 1.30 -9.67 -1.20
C ILE A 350 1.00 -10.68 -0.06
N ASN A 351 -0.16 -10.57 0.59
CA ASN A 351 -0.50 -11.51 1.67
C ASN A 351 -0.75 -12.90 1.12
N ALA A 352 -1.36 -12.97 -0.06
CA ALA A 352 -1.63 -14.26 -0.67
C ALA A 352 -0.36 -14.92 -1.22
N ALA A 353 0.52 -14.12 -1.79
CA ALA A 353 1.76 -14.63 -2.37
C ALA A 353 2.73 -15.09 -1.27
N SER A 354 2.74 -14.40 -0.14
CA SER A 354 3.62 -14.78 0.95
C SER A 354 3.01 -15.92 1.78
N GLY A 355 1.75 -16.24 1.54
CA GLY A 355 1.11 -17.30 2.32
C GLY A 355 0.52 -16.91 3.68
N ARG A 356 0.58 -15.63 4.04
CA ARG A 356 0.04 -15.18 5.31
C ARG A 356 -1.49 -15.26 5.31
N GLN A 357 -2.06 -15.31 4.11
CA GLN A 357 -3.51 -15.39 3.91
C GLN A 357 -3.85 -16.18 2.66
N THR A 358 -5.06 -16.72 2.63
CA THR A 358 -5.55 -17.46 1.50
C THR A 358 -6.11 -16.46 0.50
N VAL A 359 -6.27 -16.86 -0.75
CA VAL A 359 -6.78 -15.96 -1.78
C VAL A 359 -8.12 -15.36 -1.39
N ASP A 360 -8.99 -16.20 -0.85
CA ASP A 360 -10.29 -15.73 -0.43
C ASP A 360 -10.18 -14.73 0.70
N GLU A 361 -9.35 -15.03 1.68
CA GLU A 361 -9.16 -14.12 2.81
C GLU A 361 -8.60 -12.77 2.40
N ALA A 362 -7.62 -12.78 1.51
CA ALA A 362 -6.98 -11.57 1.02
C ALA A 362 -7.96 -10.67 0.26
N LEU A 363 -8.61 -11.24 -0.75
CA LEU A 363 -9.55 -10.47 -1.57
C LEU A 363 -10.79 -10.12 -0.77
N LYS A 364 -10.93 -10.73 0.40
CA LYS A 364 -12.06 -10.45 1.25
C LYS A 364 -11.84 -9.11 1.95
N ASP A 365 -10.65 -8.92 2.50
CA ASP A 365 -10.33 -7.70 3.22
C ASP A 365 -10.11 -6.52 2.27
N ALA A 366 -9.59 -6.82 1.10
CA ALA A 366 -9.34 -5.78 0.11
C ALA A 366 -10.67 -5.19 -0.36
N GLN A 367 -11.63 -6.05 -0.69
CA GLN A 367 -12.93 -5.60 -1.15
C GLN A 367 -13.60 -4.71 -0.12
N THR A 368 -13.38 -5.01 1.16
CA THR A 368 -13.94 -4.22 2.24
C THR A 368 -13.16 -2.90 2.43
N ASN A 369 -11.84 -2.97 2.30
CA ASN A 369 -11.01 -1.79 2.47
C ASN A 369 -11.03 -0.87 1.27
N ALA A 370 -11.09 -1.45 0.08
CA ALA A 370 -11.12 -0.69 -1.16
C ALA A 370 -12.33 0.22 -1.16
N ALA A 371 -13.45 -0.29 -0.65
CA ALA A 371 -14.70 0.48 -0.58
C ALA A 371 -14.87 1.10 0.82
N ALA A 372 -13.89 1.88 1.26
CA ALA A 372 -13.94 2.51 2.57
C ALA A 372 -15.27 3.27 2.77
N PRO A 375 -15.57 4.83 6.79
CA PRO A 375 -15.81 5.22 8.17
C PRO A 375 -14.60 5.00 9.08
N HIS A 376 -14.24 6.00 9.87
CA HIS A 376 -13.12 5.85 10.80
C HIS A 376 -13.71 5.21 12.05
N ARG A 377 -14.84 4.54 11.86
CA ARG A 377 -15.56 3.86 12.95
C ARG A 377 -14.62 2.98 13.79
N THR A 378 -13.51 2.55 13.19
CA THR A 378 -12.55 1.71 13.89
C THR A 378 -11.87 2.55 14.97
N CYS A 379 -11.21 3.62 14.54
CA CYS A 379 -10.52 4.53 15.45
C CYS A 379 -11.45 5.02 16.56
N ARG A 380 -12.64 5.49 16.19
CA ARG A 380 -13.60 5.97 17.16
C ARG A 380 -13.91 4.90 18.20
N GLU A 381 -13.80 3.64 17.82
CA GLU A 381 -14.06 2.54 18.74
C GLU A 381 -12.82 2.29 19.60
N ALA A 382 -11.66 2.62 19.06
CA ALA A 382 -10.43 2.43 19.81
C ALA A 382 -10.38 3.47 20.90
N LEU A 383 -10.88 4.67 20.59
CA LEU A 383 -10.88 5.76 21.56
C LEU A 383 -11.77 5.43 22.72
N ASP A 384 -12.89 4.78 22.44
CA ASP A 384 -13.81 4.39 23.49
C ASP A 384 -13.17 3.35 24.39
N VAL A 385 -12.47 2.41 23.76
CA VAL A 385 -11.80 1.34 24.49
C VAL A 385 -10.70 1.94 25.36
N LEU A 386 -9.94 2.87 24.81
CA LEU A 386 -8.87 3.51 25.55
C LEU A 386 -9.44 4.22 26.79
N ALA A 387 -10.47 5.05 26.60
CA ALA A 387 -11.10 5.74 27.71
C ALA A 387 -11.59 4.70 28.72
N LYS A 388 -12.23 3.66 28.21
CA LYS A 388 -12.72 2.58 29.05
C LYS A 388 -11.56 2.06 29.92
N THR A 389 -10.43 1.84 29.27
CA THR A 389 -9.21 1.33 29.92
C THR A 389 -8.72 2.28 31.04
N VAL A 390 -9.02 3.56 30.89
CA VAL A 390 -8.63 4.54 31.91
C VAL A 390 -9.54 4.41 33.13
N ALA A 391 -10.83 4.17 32.89
CA ALA A 391 -11.79 4.00 33.96
C ALA A 391 -11.47 2.72 34.73
N PHE A 392 -10.99 1.71 34.00
CA PHE A 392 -10.61 0.42 34.60
C PHE A 392 -9.46 0.55 35.59
N LEU A 393 -8.51 1.43 35.26
CA LEU A 393 -7.34 1.67 36.10
C LEU A 393 -7.66 2.66 37.23
N ARG A 394 -8.58 3.59 36.99
CA ARG A 394 -8.94 4.56 38.02
C ARG A 394 -9.56 3.80 39.18
N ASN A 395 -10.23 2.70 38.84
CA ASN A 395 -10.82 1.82 39.87
C ASN A 395 -9.74 0.80 40.17
N LEU A 396 -10.08 -0.29 40.85
CA LEU A 396 -9.02 -1.25 41.15
C LEU A 396 -7.95 -0.62 42.05
N PRO A 397 -8.22 -0.57 43.35
CA PRO A 397 -7.29 0.00 44.32
C PRO A 397 -5.89 -0.58 44.22
N SER A 398 -5.79 -1.86 43.84
CA SER A 398 -4.49 -2.50 43.72
C SER A 398 -3.51 -1.72 42.87
N PHE A 399 -4.01 -1.10 41.80
CA PHE A 399 -3.16 -0.32 40.92
C PHE A 399 -2.99 1.12 41.41
N CYS A 400 -4.06 1.70 41.92
CA CYS A 400 -4.00 3.07 42.41
C CYS A 400 -3.11 3.24 43.61
N HIS A 401 -2.98 2.20 44.42
CA HIS A 401 -2.13 2.28 45.61
C HIS A 401 -0.66 1.95 45.38
N LEU A 402 -0.29 1.63 44.14
CA LEU A 402 1.10 1.32 43.80
C LEU A 402 1.90 2.62 43.67
N PRO A 403 3.24 2.57 43.89
CA PRO A 403 4.09 3.76 43.77
C PRO A 403 3.91 4.38 42.37
N HIS A 404 3.85 5.70 42.28
CA HIS A 404 3.67 6.33 40.99
C HIS A 404 4.71 5.95 39.94
N ASP A 405 5.97 5.81 40.34
CA ASP A 405 7.00 5.41 39.39
C ASP A 405 6.66 4.04 38.80
N ASP A 406 6.10 3.16 39.63
CA ASP A 406 5.69 1.83 39.23
C ASP A 406 4.47 1.92 38.31
N GLN A 407 3.53 2.79 38.67
CA GLN A 407 2.34 2.98 37.87
C GLN A 407 2.71 3.44 36.46
N ARG A 408 3.61 4.41 36.35
CA ARG A 408 4.04 4.92 35.05
C ARG A 408 4.82 3.86 34.30
N ARG A 409 5.61 3.09 35.06
CA ARG A 409 6.45 2.04 34.49
C ARG A 409 5.64 0.86 33.95
N LEU A 410 4.62 0.41 34.70
CA LEU A 410 3.79 -0.69 34.25
C LEU A 410 3.00 -0.25 33.02
N LEU A 411 2.60 1.02 33.02
CA LEU A 411 1.86 1.59 31.93
C LEU A 411 2.68 1.68 30.65
N GLU A 412 3.94 2.08 30.77
CA GLU A 412 4.83 2.23 29.61
C GLU A 412 4.95 0.96 28.77
N CYS A 413 4.77 -0.19 29.41
CA CYS A 413 4.88 -1.44 28.68
C CYS A 413 3.76 -2.41 29.02
N CYS A 414 2.53 -1.95 28.93
CA CYS A 414 1.37 -2.79 29.20
C CYS A 414 0.13 -2.18 28.58
N TRP A 415 0.20 -0.90 28.24
CA TRP A 415 -0.96 -0.24 27.67
C TRP A 415 -1.29 -0.92 26.37
N GLY A 416 -0.26 -1.47 25.73
CA GLY A 416 -0.50 -2.15 24.47
C GLY A 416 -1.41 -3.36 24.64
N PRO A 417 -0.95 -4.38 25.38
CA PRO A 417 -1.72 -5.59 25.64
C PRO A 417 -3.05 -5.27 26.31
N LEU A 418 -3.02 -4.36 27.27
CA LEU A 418 -4.24 -3.97 27.94
C LEU A 418 -5.28 -3.44 26.96
N PHE A 419 -4.84 -2.55 26.07
CA PHE A 419 -5.71 -1.94 25.06
C PHE A 419 -6.29 -2.98 24.11
N LEU A 420 -5.43 -3.84 23.53
CA LEU A 420 -5.87 -4.90 22.62
C LEU A 420 -6.90 -5.80 23.30
N LEU A 421 -6.63 -6.17 24.54
CA LEU A 421 -7.55 -7.01 25.30
C LEU A 421 -8.90 -6.27 25.44
N GLY A 422 -8.85 -4.94 25.40
CA GLY A 422 -10.07 -4.16 25.51
C GLY A 422 -10.86 -4.23 24.21
N LEU A 423 -10.17 -4.09 23.09
CA LEU A 423 -10.83 -4.16 21.80
C LEU A 423 -11.52 -5.50 21.63
N ALA A 424 -10.86 -6.55 22.10
CA ALA A 424 -11.39 -7.89 22.00
C ALA A 424 -12.72 -7.96 22.71
N GLN A 425 -12.70 -7.77 24.03
CA GLN A 425 -13.91 -7.86 24.83
C GLN A 425 -14.99 -6.88 24.38
N ASP A 426 -14.60 -5.80 23.74
CA ASP A 426 -15.60 -4.83 23.29
C ASP A 426 -16.23 -5.22 21.95
N ALA A 427 -15.77 -6.35 21.41
CA ALA A 427 -16.27 -6.89 20.13
C ALA A 427 -16.29 -5.86 19.02
N VAL A 428 -15.10 -5.47 18.55
CA VAL A 428 -14.97 -4.49 17.47
C VAL A 428 -14.02 -4.92 16.33
N THR A 429 -14.56 -5.52 15.28
CA THR A 429 -13.75 -5.95 14.15
C THR A 429 -13.19 -4.69 13.49
N PHE A 430 -11.93 -4.75 13.05
CA PHE A 430 -11.33 -3.57 12.44
C PHE A 430 -11.19 -3.65 10.92
N GLU A 431 -11.15 -2.47 10.30
CA GLU A 431 -11.04 -2.34 8.86
C GLU A 431 -9.87 -1.42 8.58
N VAL A 432 -8.67 -1.97 8.64
CA VAL A 432 -7.44 -1.22 8.42
C VAL A 432 -7.33 -0.64 7.00
N ALA A 433 -7.84 0.58 6.82
CA ALA A 433 -7.79 1.25 5.52
C ALA A 433 -6.77 2.39 5.60
N GLU A 434 -5.51 2.04 5.37
CA GLU A 434 -4.40 3.00 5.43
C GLU A 434 -4.00 3.49 4.03
N ALA A 435 -4.94 4.14 3.34
CA ALA A 435 -4.69 4.67 2.00
C ALA A 435 -3.58 5.70 2.02
N GLN A 463 5.29 3.72 7.76
CA GLN A 463 4.48 2.68 7.13
C GLN A 463 4.65 1.34 7.82
N PRO A 464 3.57 0.83 8.43
CA PRO A 464 3.64 -0.46 9.13
C PRO A 464 3.80 -1.63 8.15
N SER A 465 4.50 -2.67 8.59
CA SER A 465 4.71 -3.84 7.75
C SER A 465 3.46 -4.69 7.70
N LEU A 466 3.18 -5.26 6.54
CA LEU A 466 2.03 -6.11 6.35
C LEU A 466 2.04 -7.27 7.33
N ALA A 467 3.22 -7.86 7.52
CA ALA A 467 3.41 -9.00 8.41
C ALA A 467 2.89 -8.69 9.82
N ALA A 468 3.21 -7.50 10.31
CA ALA A 468 2.77 -7.08 11.62
C ALA A 468 1.26 -6.95 11.67
N VAL A 469 0.69 -6.20 10.72
CA VAL A 469 -0.75 -5.99 10.68
C VAL A 469 -1.48 -7.31 10.64
N GLN A 470 -1.02 -8.20 9.76
CA GLN A 470 -1.64 -9.51 9.60
C GLN A 470 -1.59 -10.28 10.92
N TRP A 471 -0.45 -10.23 11.60
CA TRP A 471 -0.28 -10.89 12.89
C TRP A 471 -1.22 -10.30 13.96
N LEU A 472 -1.47 -9.00 13.90
CA LEU A 472 -2.36 -8.36 14.86
C LEU A 472 -3.77 -8.94 14.78
N GLN A 473 -4.37 -8.91 13.59
CA GLN A 473 -5.72 -9.44 13.45
C GLN A 473 -5.86 -10.92 13.74
N ARG A 474 -4.87 -11.70 13.35
CA ARG A 474 -4.92 -13.13 13.61
C ARG A 474 -5.12 -13.34 15.12
N CYS A 475 -4.32 -12.63 15.91
CA CYS A 475 -4.38 -12.74 17.36
C CYS A 475 -5.74 -12.29 17.88
N LEU A 476 -6.20 -11.20 17.33
CA LEU A 476 -7.47 -10.63 17.71
C LEU A 476 -8.65 -11.56 17.36
N GLU A 477 -8.60 -12.18 16.17
CA GLU A 477 -9.67 -13.08 15.72
C GLU A 477 -9.57 -14.35 16.57
N SER A 478 -8.39 -14.59 17.09
CA SER A 478 -8.16 -15.76 17.92
C SER A 478 -8.95 -15.62 19.23
N PHE A 479 -9.10 -14.38 19.70
CA PHE A 479 -9.82 -14.08 20.92
C PHE A 479 -11.32 -14.11 20.67
N TRP A 480 -11.74 -13.65 19.50
CA TRP A 480 -13.16 -13.62 19.20
C TRP A 480 -13.74 -14.98 18.92
N SER A 481 -12.88 -15.93 18.55
CA SER A 481 -13.37 -17.27 18.26
C SER A 481 -13.35 -18.12 19.51
N LEU A 482 -12.49 -17.76 20.46
CA LEU A 482 -12.38 -18.49 21.72
C LEU A 482 -13.54 -18.12 22.64
N GLU A 483 -14.19 -17.00 22.34
CA GLU A 483 -15.33 -16.50 23.11
C GLU A 483 -15.10 -16.52 24.63
N LEU A 484 -14.34 -15.56 25.13
CA LEU A 484 -14.07 -15.50 26.55
C LEU A 484 -15.21 -14.81 27.27
N GLY A 485 -15.31 -15.05 28.58
CA GLY A 485 -16.33 -14.43 29.39
C GLY A 485 -15.85 -13.20 30.14
N PRO A 486 -16.75 -12.50 30.83
CA PRO A 486 -16.37 -11.30 31.58
C PRO A 486 -15.33 -11.56 32.66
N LYS A 487 -15.39 -12.72 33.30
CA LYS A 487 -14.44 -13.05 34.35
C LYS A 487 -13.06 -13.32 33.77
N GLU A 488 -13.01 -14.16 32.75
CA GLU A 488 -11.76 -14.50 32.12
C GLU A 488 -11.01 -13.22 31.72
N TYR A 489 -11.69 -12.32 31.01
CA TYR A 489 -11.09 -11.05 30.58
C TYR A 489 -10.55 -10.24 31.76
N ALA A 490 -11.38 -10.08 32.78
CA ALA A 490 -10.97 -9.35 33.97
C ALA A 490 -9.69 -9.95 34.58
N TYR A 491 -9.71 -11.24 34.91
CA TYR A 491 -8.55 -11.88 35.54
C TYR A 491 -7.32 -11.84 34.64
N LEU A 492 -7.55 -11.98 33.34
CA LEU A 492 -6.45 -11.94 32.39
C LEU A 492 -5.81 -10.55 32.41
N LYS A 493 -6.64 -9.51 32.35
CA LYS A 493 -6.13 -8.13 32.39
C LYS A 493 -5.21 -7.95 33.60
N GLY A 494 -5.59 -8.55 34.73
CA GLY A 494 -4.76 -8.46 35.92
C GLY A 494 -3.41 -9.10 35.65
N THR A 495 -3.39 -10.24 34.98
CA THR A 495 -2.15 -10.96 34.66
C THR A 495 -1.21 -10.12 33.80
N ILE A 496 -1.82 -9.31 32.92
CA ILE A 496 -1.08 -8.44 31.98
C ILE A 496 -0.65 -7.15 32.64
N LEU A 497 -1.52 -6.56 33.44
CA LEU A 497 -1.20 -5.32 34.12
C LEU A 497 -0.03 -5.47 35.10
N PHE A 498 -0.26 -6.22 36.17
CA PHE A 498 0.76 -6.43 37.17
C PHE A 498 1.87 -7.35 36.68
N ASN A 499 2.83 -6.78 35.96
CA ASN A 499 3.97 -7.54 35.42
C ASN A 499 5.23 -7.27 36.25
N PRO A 500 5.69 -8.27 36.99
CA PRO A 500 6.88 -8.17 37.83
C PRO A 500 8.19 -8.01 37.08
N ASP A 501 8.21 -8.53 35.86
CA ASP A 501 9.43 -8.47 35.04
C ASP A 501 9.79 -7.10 34.51
N VAL A 502 8.96 -6.10 34.81
CA VAL A 502 9.24 -4.74 34.36
C VAL A 502 10.48 -4.18 35.08
N PRO A 503 11.52 -3.81 34.32
CA PRO A 503 12.77 -3.27 34.85
C PRO A 503 12.54 -2.09 35.80
N GLY A 504 13.41 -1.97 36.81
CA GLY A 504 13.32 -0.89 37.77
C GLY A 504 11.96 -0.75 38.41
N LEU A 505 11.55 -1.77 39.14
CA LEU A 505 10.24 -1.71 39.75
C LEU A 505 10.41 -1.77 41.25
N ARG A 506 9.81 -0.83 41.97
CA ARG A 506 9.90 -0.80 43.43
C ARG A 506 9.09 -1.91 44.12
N ALA A 507 7.76 -1.83 44.07
CA ALA A 507 6.92 -2.85 44.68
C ALA A 507 6.87 -4.09 43.79
N SER A 508 8.04 -4.53 43.33
CA SER A 508 8.12 -5.70 42.48
C SER A 508 7.60 -6.98 43.13
N CYS A 509 7.92 -7.19 44.41
CA CYS A 509 7.47 -8.39 45.10
C CYS A 509 5.96 -8.42 45.26
N HIS A 510 5.38 -7.27 45.62
CA HIS A 510 3.92 -7.18 45.79
C HIS A 510 3.22 -7.40 44.45
N ILE A 511 3.72 -6.74 43.41
CA ILE A 511 3.14 -6.87 42.08
C ILE A 511 3.14 -8.36 41.68
N ALA A 512 4.21 -9.06 42.05
CA ALA A 512 4.33 -10.46 41.72
C ALA A 512 3.23 -11.24 42.40
N HIS A 513 2.94 -10.90 43.65
CA HIS A 513 1.89 -11.57 44.42
C HIS A 513 0.51 -11.26 43.84
N LEU A 514 0.37 -10.08 43.21
CA LEU A 514 -0.90 -9.67 42.61
C LEU A 514 -1.17 -10.42 41.32
N GLN A 515 -0.10 -10.68 40.55
CA GLN A 515 -0.21 -11.39 39.29
C GLN A 515 -0.52 -12.84 39.54
N GLN A 516 0.06 -13.40 40.59
CA GLN A 516 -0.17 -14.78 40.91
C GLN A 516 -1.63 -15.03 41.28
N GLU A 517 -2.25 -14.05 41.93
CA GLU A 517 -3.64 -14.17 42.32
C GLU A 517 -4.55 -14.19 41.11
N ALA A 518 -4.31 -13.26 40.20
CA ALA A 518 -5.12 -13.18 38.99
C ALA A 518 -4.95 -14.48 38.21
N HIS A 519 -3.74 -15.03 38.18
CA HIS A 519 -3.50 -16.28 37.47
C HIS A 519 -4.21 -17.44 38.17
N TRP A 520 -4.26 -17.43 39.49
CA TRP A 520 -4.97 -18.49 40.20
C TRP A 520 -6.47 -18.38 39.92
N ALA A 521 -6.98 -17.16 39.90
CA ALA A 521 -8.40 -16.94 39.63
C ALA A 521 -8.77 -17.36 38.21
N LEU A 522 -7.90 -17.05 37.26
CA LEU A 522 -8.12 -17.37 35.86
C LEU A 522 -8.24 -18.87 35.67
N CYS A 523 -7.62 -19.61 36.57
CA CYS A 523 -7.67 -21.06 36.52
C CYS A 523 -8.95 -21.61 37.14
N GLU A 524 -9.33 -21.07 38.29
CA GLU A 524 -10.55 -21.52 38.95
C GLU A 524 -11.78 -21.24 38.10
N VAL A 525 -11.71 -20.22 37.25
CA VAL A 525 -12.83 -19.91 36.39
C VAL A 525 -12.88 -20.96 35.28
N LEU A 526 -11.77 -21.69 35.11
CA LEU A 526 -11.69 -22.72 34.08
C LEU A 526 -11.53 -24.13 34.69
N GLU A 527 -11.66 -24.25 36.01
CA GLU A 527 -11.49 -25.54 36.72
C GLU A 527 -12.57 -26.56 36.42
N PRO A 528 -13.85 -26.15 36.36
CA PRO A 528 -14.81 -27.22 36.05
C PRO A 528 -14.46 -27.79 34.67
N TRP A 529 -13.75 -28.90 34.71
CA TRP A 529 -13.26 -29.61 33.53
C TRP A 529 -13.40 -31.11 33.71
N TYR A 530 -13.16 -31.82 32.62
CA TYR A 530 -13.17 -33.28 32.60
C TYR A 530 -12.20 -33.49 31.44
N PRO A 531 -12.29 -32.63 30.41
CA PRO A 531 -11.39 -32.77 29.27
C PRO A 531 -10.88 -31.47 28.60
N ALA A 532 -11.81 -30.76 27.95
CA ALA A 532 -11.52 -29.54 27.18
C ALA A 532 -10.95 -28.27 27.82
N SER A 533 -11.43 -27.90 29.00
CA SER A 533 -10.94 -26.67 29.64
C SER A 533 -9.42 -26.68 29.82
N GLN A 534 -8.84 -27.87 29.84
CA GLN A 534 -7.40 -28.00 29.99
C GLN A 534 -6.60 -27.34 28.84
N GLY A 535 -7.10 -27.50 27.62
CA GLY A 535 -6.43 -26.92 26.47
C GLY A 535 -6.82 -25.49 26.25
N ARG A 536 -7.74 -25.01 27.08
CA ARG A 536 -8.22 -23.64 26.99
C ARG A 536 -7.31 -22.70 27.78
N LEU A 537 -6.84 -23.15 28.93
CA LEU A 537 -5.97 -22.31 29.72
C LEU A 537 -4.70 -22.01 28.92
N ALA A 538 -4.09 -23.06 28.37
CA ALA A 538 -2.87 -22.87 27.61
C ALA A 538 -3.14 -22.01 26.39
N ARG A 539 -4.32 -22.16 25.80
CA ARG A 539 -4.67 -21.38 24.63
C ARG A 539 -4.78 -19.90 24.97
N ILE A 540 -5.59 -19.58 25.98
CA ILE A 540 -5.79 -18.19 26.40
C ILE A 540 -4.45 -17.57 26.81
N LEU A 541 -3.66 -18.33 27.55
CA LEU A 541 -2.38 -17.81 28.00
C LEU A 541 -1.46 -17.43 26.85
N LEU A 542 -1.19 -18.36 25.94
CA LEU A 542 -0.33 -18.13 24.79
C LEU A 542 -0.86 -16.95 23.96
N MET A 543 -2.18 -16.83 23.87
CA MET A 543 -2.78 -15.76 23.09
C MET A 543 -2.44 -14.42 23.72
N ALA A 544 -2.48 -14.39 25.05
CA ALA A 544 -2.15 -13.17 25.77
C ALA A 544 -0.69 -12.81 25.54
N SER A 545 0.15 -13.81 25.41
CA SER A 545 1.58 -13.62 25.19
C SER A 545 1.85 -12.99 23.81
N THR A 546 1.05 -13.37 22.82
CA THR A 546 1.25 -12.84 21.49
C THR A 546 0.87 -11.37 21.50
N LEU A 547 -0.03 -11.00 22.39
CA LEU A 547 -0.47 -9.61 22.49
C LEU A 547 0.66 -8.72 22.96
N ARG A 548 1.43 -9.21 23.92
CA ARG A 548 2.54 -8.46 24.48
C ARG A 548 3.64 -8.24 23.44
N ASN A 549 3.67 -9.09 22.43
CA ASN A 549 4.69 -8.98 21.39
C ASN A 549 4.25 -8.11 20.21
N ILE A 550 3.28 -7.23 20.45
CA ILE A 550 2.82 -6.37 19.38
C ILE A 550 3.35 -4.95 19.57
N PRO A 551 4.06 -4.43 18.55
CA PRO A 551 4.65 -3.09 18.56
C PRO A 551 3.70 -1.99 19.01
N GLY A 552 4.06 -1.27 20.08
CA GLY A 552 3.20 -0.20 20.53
C GLY A 552 3.08 0.85 19.44
N THR A 553 4.14 0.98 18.65
CA THR A 553 4.15 1.95 17.56
C THR A 553 3.10 1.61 16.53
N LEU A 554 3.04 0.33 16.19
CA LEU A 554 2.06 -0.16 15.23
C LEU A 554 0.64 0.22 15.65
N LEU A 555 0.30 0.00 16.93
CA LEU A 555 -1.03 0.31 17.46
C LEU A 555 -1.45 1.75 17.20
N VAL A 556 -0.55 2.69 17.47
CA VAL A 556 -0.82 4.10 17.24
C VAL A 556 -1.17 4.42 15.78
N ASP A 557 -0.29 3.98 14.87
CA ASP A 557 -0.49 4.20 13.45
C ASP A 557 -1.73 3.50 12.90
N LEU A 558 -2.22 2.48 13.60
CA LEU A 558 -3.37 1.77 13.10
C LEU A 558 -4.71 2.19 13.70
N PHE A 559 -4.68 2.77 14.90
CA PHE A 559 -5.94 3.14 15.54
C PHE A 559 -6.10 4.59 15.97
N PHE A 560 -4.99 5.30 16.17
CA PHE A 560 -5.08 6.68 16.63
C PHE A 560 -4.59 7.72 15.65
N ARG A 561 -3.34 7.59 15.21
CA ARG A 561 -2.75 8.54 14.26
C ARG A 561 -3.73 9.06 13.21
N PRO A 562 -4.44 8.16 12.53
CA PRO A 562 -5.41 8.55 11.49
C PRO A 562 -6.49 9.51 11.93
N ILE A 563 -6.64 9.71 13.24
CA ILE A 563 -7.71 10.56 13.75
C ILE A 563 -7.23 11.73 14.58
N MET A 564 -5.99 11.65 15.07
CA MET A 564 -5.41 12.71 15.89
C MET A 564 -3.94 13.03 15.59
N GLY A 565 -3.51 12.66 14.40
CA GLY A 565 -2.13 12.91 13.99
C GLY A 565 -1.15 12.16 14.88
N ASP A 566 0.09 12.62 14.91
CA ASP A 566 1.11 11.99 15.73
C ASP A 566 0.65 12.01 17.20
N VAL A 567 0.87 10.91 17.92
CA VAL A 567 0.43 10.87 19.31
C VAL A 567 1.36 10.09 20.19
N ASP A 568 1.44 10.51 21.45
CA ASP A 568 2.28 9.84 22.45
C ASP A 568 1.31 9.21 23.44
N ILE A 569 0.98 7.95 23.24
CA ILE A 569 0.05 7.27 24.15
C ILE A 569 0.48 7.31 25.62
N THR A 570 1.73 6.99 25.90
CA THR A 570 2.23 6.99 27.26
C THR A 570 1.98 8.35 27.90
N GLU A 571 2.30 9.41 27.17
CA GLU A 571 2.08 10.76 27.67
C GLU A 571 0.60 11.06 27.91
N LEU A 572 -0.22 10.79 26.89
CA LEU A 572 -1.66 11.03 26.96
C LEU A 572 -2.29 10.25 28.11
N LEU A 573 -1.86 9.01 28.30
CA LEU A 573 -2.40 8.19 29.38
C LEU A 573 -1.99 8.68 30.76
N GLU A 574 -0.77 9.18 30.88
CA GLU A 574 -0.33 9.70 32.18
C GLU A 574 -1.08 10.99 32.55
N ASP A 575 -1.71 11.62 31.56
CA ASP A 575 -2.45 12.82 31.81
C ASP A 575 -3.84 12.46 32.35
N MET A 576 -4.47 11.47 31.73
CA MET A 576 -5.78 11.03 32.17
C MET A 576 -5.77 10.48 33.60
N LEU A 577 -4.61 9.96 34.00
CA LEU A 577 -4.45 9.36 35.31
C LEU A 577 -3.68 10.25 36.24
N LEU A 578 -3.48 11.49 35.81
CA LEU A 578 -2.73 12.48 36.61
C LEU A 578 -1.45 11.87 37.19
N LEU A 579 -0.48 11.61 36.33
CA LEU A 579 0.80 11.05 36.73
C LEU A 579 1.90 11.83 36.03
N ARG A 580 1.51 12.86 35.30
CA ARG A 580 2.44 13.68 34.55
C ARG A 580 2.18 15.15 34.83
N MET B 1 -3.63 -6.80 50.17
CA MET B 1 -2.74 -7.53 49.28
C MET B 1 -3.40 -8.77 48.70
N HIS B 2 -4.62 -9.06 49.13
CA HIS B 2 -5.33 -10.24 48.66
C HIS B 2 -6.63 -9.85 47.95
N ARG B 3 -7.39 -10.87 47.56
CA ARG B 3 -8.65 -10.74 46.84
C ARG B 3 -8.64 -9.73 45.70
N VAL B 4 -7.58 -9.74 44.90
CA VAL B 4 -7.46 -8.83 43.76
C VAL B 4 -8.43 -9.27 42.69
N SER B 5 -8.82 -10.53 42.76
CA SER B 5 -9.78 -11.09 41.84
C SER B 5 -11.08 -10.31 41.80
N ALA B 6 -11.73 -10.19 42.96
CA ALA B 6 -13.00 -9.47 43.06
C ALA B 6 -12.84 -8.04 42.58
N ALA B 7 -11.67 -7.47 42.81
CA ALA B 7 -11.42 -6.11 42.40
C ALA B 7 -11.40 -5.99 40.87
N LEU B 8 -10.65 -6.88 40.22
CA LEU B 8 -10.55 -6.86 38.77
C LEU B 8 -11.92 -6.98 38.09
N GLU B 9 -12.72 -7.91 38.58
CA GLU B 9 -14.05 -8.14 37.99
C GLU B 9 -14.91 -6.90 38.06
N GLU B 10 -14.80 -6.19 39.18
CA GLU B 10 -15.56 -4.97 39.42
C GLU B 10 -15.03 -3.81 38.57
N ALA B 11 -13.72 -3.72 38.47
CA ALA B 11 -13.11 -2.64 37.75
C ALA B 11 -13.30 -2.75 36.26
N ASN B 12 -13.40 -3.99 35.75
CA ASN B 12 -13.54 -4.20 34.32
C ASN B 12 -14.98 -4.20 33.84
N LYS B 13 -15.91 -3.91 34.75
CA LYS B 13 -17.32 -3.85 34.40
C LYS B 13 -17.60 -2.84 33.28
N VAL B 14 -16.81 -1.78 33.21
CA VAL B 14 -17.01 -0.76 32.19
C VAL B 14 -17.00 -1.29 30.76
N PHE B 15 -16.52 -2.52 30.58
CA PHE B 15 -16.45 -3.15 29.25
C PHE B 15 -17.63 -4.07 28.97
N LEU B 16 -18.66 -4.03 29.81
CA LEU B 16 -19.83 -4.87 29.63
C LEU B 16 -20.91 -4.09 28.88
C1 GLC C . 5.42 2.67 -13.20
C2 GLC C . 4.11 3.20 -13.85
C3 GLC C . 3.16 3.67 -12.73
C4 GLC C . 2.87 2.49 -11.79
C5 GLC C . 4.21 1.98 -11.19
C6 GLC C . 3.99 0.77 -10.28
O1 GLC C . 6.06 3.68 -12.51
O2 GLC C . 4.40 4.28 -14.73
O3 GLC C . 1.94 4.13 -13.30
O4 GLC C . 1.98 2.89 -10.73
O5 GLC C . 5.12 1.59 -12.26
O6 GLC C . 5.20 0.29 -9.73
C1 GLC C . 0.62 2.52 -10.81
C2 GLC C . -0.26 3.69 -10.34
C3 GLC C . 0.04 3.97 -8.83
C4 GLC C . -0.33 2.71 -8.05
C5 GLC C . 0.54 1.54 -8.55
C6 GLC C . 0.23 0.23 -7.87
O2 GLC C . 0.05 4.82 -11.16
O3 GLC C . -0.78 5.05 -8.36
O4 GLC C . -0.08 2.89 -6.67
O5 GLC C . 0.33 1.35 -9.98
O6 GLC C . 1.27 -0.70 -8.15
#